data_4THI
#
_entry.id   4THI
#
_cell.length_a   86.700
_cell.length_b   119.300
_cell.length_c   37.300
_cell.angle_alpha   90.00
_cell.angle_beta   90.00
_cell.angle_gamma   90.00
#
_symmetry.space_group_name_H-M   'P 21 21 2'
#
loop_
_entity.id
_entity.type
_entity.pdbx_description
1 polymer 'PROTEIN (THIAMINASE I)'
2 non-polymer 'SULFATE ION'
3 non-polymer 2,5-DIMETHYL-PYRIMIDIN-4-YLAMINE
4 water water
#
_entity_poly.entity_id   1
_entity_poly.type   'polypeptide(L)'
_entity_poly.pdbx_seq_one_letter_code
;ITLKVAIYPYVPDPARFQAAVLDQWQRQEPGVKLEFTDWDSYSADPPDDLDVFVLDSIFLSHFVDAGYLLPFGSQDIDQA
EDVLPFALQGAKRNGEVYGLPQILCTNLLFYRKGDLKIGQVDNIYELYKKIGTSHSEQIPPPQNKGLLINMAGGTTKASM
YLEALIDVTGQYTEYDLLPPLDPLNDKVIRGLRLLINMAGEKPSQYVPEDGDAYVRASWFAQGSGRAFIGYSESMMRMGD
YAEQVRFKPISSSAGQDIPLFYSDVVSVNSKTAHPELAKKLANVMASADTVEQALRPQADGQYPQYLLPARHQVYEALMQ
DYPIYSELAQIVNKPSNRVFRLGPEVRTWLKDAKQVLPEALG
;
_entity_poly.pdbx_strand_id   A
#
# COMPACT_ATOMS: atom_id res chain seq x y z
N ILE A 1 -9.57 -15.12 29.07
CA ILE A 1 -9.33 -15.13 27.58
C ILE A 1 -8.48 -13.94 27.11
N THR A 2 -7.38 -14.26 26.45
CA THR A 2 -6.44 -13.28 25.90
C THR A 2 -6.28 -13.61 24.41
N LEU A 3 -6.40 -12.61 23.57
CA LEU A 3 -6.22 -12.84 22.12
C LEU A 3 -4.90 -12.19 21.67
N LYS A 4 -4.11 -12.92 20.89
CA LYS A 4 -2.85 -12.37 20.35
C LYS A 4 -3.15 -11.75 18.99
N VAL A 5 -2.84 -10.46 18.86
CA VAL A 5 -3.16 -9.71 17.66
C VAL A 5 -1.96 -8.96 17.13
N ALA A 6 -1.96 -8.72 15.83
CA ALA A 6 -0.89 -7.95 15.17
C ALA A 6 -1.50 -6.97 14.17
N ILE A 7 -1.26 -5.66 14.39
CA ILE A 7 -1.75 -4.60 13.48
C ILE A 7 -0.77 -4.52 12.31
N TYR A 8 -1.10 -3.78 11.26
CA TYR A 8 -0.17 -3.67 10.14
C TYR A 8 1.02 -2.83 10.61
N PRO A 9 2.24 -3.38 10.54
CA PRO A 9 3.44 -2.68 10.98
C PRO A 9 3.96 -1.50 10.17
N TYR A 10 3.74 -1.51 8.85
CA TYR A 10 4.26 -0.43 8.02
C TYR A 10 3.33 0.75 7.70
N VAL A 11 3.13 1.62 8.71
CA VAL A 11 2.31 2.83 8.58
C VAL A 11 3.07 3.97 9.27
N PRO A 12 2.72 5.23 8.96
CA PRO A 12 3.39 6.39 9.56
C PRO A 12 3.38 6.37 11.10
N ASP A 13 2.29 5.88 11.69
CA ASP A 13 2.20 5.81 13.15
C ASP A 13 1.40 4.60 13.61
N PRO A 14 2.10 3.48 13.90
CA PRO A 14 1.45 2.25 14.36
C PRO A 14 0.88 2.37 15.77
N ALA A 15 1.45 3.27 16.59
CA ALA A 15 0.96 3.47 17.95
C ALA A 15 -0.47 4.00 17.90
N ARG A 16 -0.78 4.80 16.88
CA ARG A 16 -2.13 5.33 16.75
C ARG A 16 -3.12 4.19 16.41
N PHE A 17 -2.67 3.22 15.61
CA PHE A 17 -3.52 2.09 15.28
C PHE A 17 -3.75 1.21 16.49
N GLN A 18 -2.68 0.90 17.23
CA GLN A 18 -2.80 0.06 18.41
C GLN A 18 -3.72 0.65 19.47
N ALA A 19 -3.69 1.98 19.64
CA ALA A 19 -4.54 2.63 20.63
C ALA A 19 -6.01 2.66 20.18
N ALA A 20 -6.25 2.81 18.89
CA ALA A 20 -7.62 2.85 18.35
C ALA A 20 -8.30 1.50 18.49
N VAL A 21 -7.55 0.43 18.18
CA VAL A 21 -8.06 -0.93 18.27
C VAL A 21 -8.41 -1.28 19.71
N LEU A 22 -7.52 -0.94 20.63
CA LEU A 22 -7.75 -1.23 22.05
C LEU A 22 -8.97 -0.49 22.58
N ASP A 23 -9.08 0.79 22.21
CA ASP A 23 -10.21 1.62 22.65
C ASP A 23 -11.55 1.08 22.16
N GLN A 24 -11.59 0.71 20.88
CA GLN A 24 -12.81 0.18 20.27
C GLN A 24 -13.17 -1.23 20.74
N TRP A 25 -12.16 -2.07 20.96
CA TRP A 25 -12.39 -3.43 21.42
C TRP A 25 -13.02 -3.39 22.82
N GLN A 26 -12.45 -2.61 23.72
CA GLN A 26 -12.94 -2.48 25.08
C GLN A 26 -14.37 -2.00 25.20
N ARG A 27 -14.89 -1.33 24.18
CA ARG A 27 -16.26 -0.85 24.24
C ARG A 27 -17.29 -1.99 24.11
N GLN A 28 -16.89 -3.04 23.40
CA GLN A 28 -17.74 -4.21 23.18
C GLN A 28 -17.33 -5.41 24.03
N GLU A 29 -16.03 -5.54 24.29
CA GLU A 29 -15.47 -6.66 25.07
C GLU A 29 -14.40 -6.22 26.08
N PRO A 30 -14.79 -5.50 27.15
CA PRO A 30 -13.83 -5.04 28.17
C PRO A 30 -13.10 -6.12 28.97
N GLY A 31 -13.65 -7.33 28.96
CA GLY A 31 -13.05 -8.43 29.70
C GLY A 31 -11.99 -9.24 28.97
N VAL A 32 -12.06 -9.26 27.64
CA VAL A 32 -11.11 -10.02 26.83
C VAL A 32 -9.86 -9.19 26.55
N LYS A 33 -8.73 -9.65 27.09
CA LYS A 33 -7.45 -8.98 26.95
C LYS A 33 -6.82 -9.14 25.56
N LEU A 34 -6.12 -8.10 25.10
CA LEU A 34 -5.44 -8.12 23.80
C LEU A 34 -3.94 -8.01 24.05
N GLU A 35 -3.17 -8.90 23.42
CA GLU A 35 -1.73 -8.87 23.54
C GLU A 35 -1.18 -8.58 22.16
N PHE A 36 -0.80 -7.31 21.93
CA PHE A 36 -0.27 -6.86 20.65
C PHE A 36 1.15 -7.34 20.39
N THR A 37 1.36 -7.96 19.23
CA THR A 37 2.65 -8.51 18.86
C THR A 37 3.14 -7.95 17.52
N ASP A 38 4.42 -8.14 17.25
CA ASP A 38 5.05 -7.67 16.02
C ASP A 38 5.00 -8.80 14.99
N TRP A 39 4.44 -8.54 13.80
CA TRP A 39 4.40 -9.57 12.77
C TRP A 39 4.35 -8.95 11.39
N ASP A 40 5.19 -9.46 10.49
CA ASP A 40 5.30 -8.97 9.12
C ASP A 40 5.11 -10.07 8.05
N SER A 41 4.03 -9.95 7.26
CA SER A 41 3.70 -10.90 6.21
C SER A 41 4.75 -11.00 5.09
N TYR A 42 5.55 -9.96 4.90
CA TYR A 42 6.58 -9.98 3.86
C TYR A 42 7.74 -10.92 4.17
N SER A 43 7.98 -11.21 5.44
CA SER A 43 9.09 -12.08 5.84
C SER A 43 8.75 -13.22 6.83
N ALA A 44 7.47 -13.56 6.95
CA ALA A 44 7.07 -14.63 7.86
C ALA A 44 5.63 -15.12 7.65
N ASP A 45 5.40 -16.39 7.98
CA ASP A 45 4.07 -17.01 7.88
C ASP A 45 3.35 -16.78 9.21
N PRO A 46 2.04 -17.01 9.25
CA PRO A 46 1.31 -16.80 10.50
C PRO A 46 1.68 -17.78 11.63
N PRO A 47 2.16 -17.26 12.79
CA PRO A 47 2.52 -18.13 13.92
C PRO A 47 1.25 -18.88 14.35
N ASP A 48 1.42 -20.06 14.91
CA ASP A 48 0.28 -20.86 15.32
C ASP A 48 -0.54 -20.26 16.47
N ASP A 49 0.07 -19.39 17.27
CA ASP A 49 -0.66 -18.76 18.39
C ASP A 49 -1.08 -17.30 18.16
N LEU A 50 -0.92 -16.81 16.93
CA LEU A 50 -1.31 -15.45 16.54
C LEU A 50 -2.76 -15.56 16.04
N ASP A 51 -3.70 -15.08 16.85
CA ASP A 51 -5.13 -15.18 16.52
C ASP A 51 -5.64 -14.31 15.39
N VAL A 52 -5.38 -13.01 15.45
CA VAL A 52 -5.83 -12.06 14.42
C VAL A 52 -4.63 -11.26 13.92
N PHE A 53 -4.57 -11.00 12.61
CA PHE A 53 -3.44 -10.30 12.03
C PHE A 53 -3.74 -9.62 10.68
N VAL A 54 -2.93 -8.61 10.34
CA VAL A 54 -3.10 -7.86 9.10
C VAL A 54 -1.96 -8.16 8.13
N LEU A 55 -2.32 -8.49 6.88
CA LEU A 55 -1.33 -8.85 5.86
C LEU A 55 -1.52 -8.13 4.51
N ASP A 56 -0.46 -8.06 3.72
CA ASP A 56 -0.51 -7.46 2.39
C ASP A 56 -1.07 -8.60 1.50
N SER A 57 -2.11 -8.29 0.73
CA SER A 57 -2.77 -9.29 -0.13
C SER A 57 -1.94 -10.02 -1.17
N ILE A 58 -0.72 -9.58 -1.46
CA ILE A 58 0.08 -10.32 -2.42
C ILE A 58 0.33 -11.74 -1.87
N PHE A 59 0.29 -11.87 -0.55
CA PHE A 59 0.51 -13.16 0.12
C PHE A 59 -0.77 -13.93 0.46
N LEU A 60 -1.93 -13.37 0.13
CA LEU A 60 -3.21 -14.02 0.43
C LEU A 60 -3.40 -15.41 -0.18
N SER A 61 -3.09 -15.56 -1.47
CA SER A 61 -3.25 -16.85 -2.16
C SER A 61 -2.42 -17.96 -1.52
N HIS A 62 -1.18 -17.65 -1.14
CA HIS A 62 -0.29 -18.59 -0.47
C HIS A 62 -0.88 -19.05 0.87
N PHE A 63 -1.29 -18.09 1.70
CA PHE A 63 -1.86 -18.39 3.02
C PHE A 63 -3.14 -19.22 2.94
N VAL A 64 -3.99 -18.93 1.96
CA VAL A 64 -5.23 -19.68 1.81
C VAL A 64 -4.98 -21.15 1.44
N ASP A 65 -4.17 -21.38 0.41
CA ASP A 65 -3.88 -22.75 -0.03
C ASP A 65 -3.06 -23.58 0.95
N ALA A 66 -2.35 -22.91 1.86
CA ALA A 66 -1.54 -23.61 2.86
C ALA A 66 -2.38 -24.00 4.10
N GLY A 67 -3.65 -23.59 4.13
CA GLY A 67 -4.53 -23.93 5.23
C GLY A 67 -4.39 -23.11 6.49
N TYR A 68 -3.82 -21.91 6.37
CA TYR A 68 -3.59 -21.00 7.49
C TYR A 68 -4.79 -20.17 7.96
N LEU A 69 -5.66 -19.81 7.03
CA LEU A 69 -6.80 -18.95 7.36
C LEU A 69 -8.15 -19.58 7.55
N LEU A 70 -9.01 -18.81 8.21
CA LEU A 70 -10.38 -19.19 8.52
C LEU A 70 -11.27 -18.22 7.71
N PRO A 71 -12.08 -18.77 6.79
CA PRO A 71 -12.98 -17.97 5.95
C PRO A 71 -14.10 -17.26 6.70
N PHE A 72 -14.53 -16.14 6.13
CA PHE A 72 -15.60 -15.33 6.68
C PHE A 72 -16.89 -15.59 5.87
N GLY A 73 -17.87 -16.20 6.51
CA GLY A 73 -19.14 -16.44 5.84
C GLY A 73 -19.83 -15.08 5.78
N SER A 74 -20.85 -14.94 4.93
CA SER A 74 -21.55 -13.67 4.80
C SER A 74 -22.06 -13.09 6.14
N GLN A 75 -22.53 -13.96 7.04
CA GLN A 75 -23.02 -13.49 8.35
C GLN A 75 -21.91 -13.13 9.35
N ASP A 76 -20.64 -13.29 8.95
CA ASP A 76 -19.47 -12.96 9.80
C ASP A 76 -18.83 -11.62 9.37
N ILE A 77 -19.43 -10.95 8.39
CA ILE A 77 -18.88 -9.67 7.90
C ILE A 77 -19.82 -8.54 8.25
N ASP A 78 -19.33 -7.57 9.03
CA ASP A 78 -20.15 -6.43 9.43
C ASP A 78 -20.15 -5.29 8.39
N GLN A 79 -21.34 -4.79 8.07
CA GLN A 79 -21.53 -3.70 7.12
C GLN A 79 -20.78 -3.82 5.80
N ALA A 80 -20.92 -4.99 5.16
CA ALA A 80 -20.26 -5.27 3.89
C ALA A 80 -20.58 -4.24 2.80
N GLU A 81 -21.76 -3.64 2.85
CA GLU A 81 -22.18 -2.65 1.85
C GLU A 81 -21.41 -1.32 1.84
N ASP A 82 -20.70 -1.03 2.93
CA ASP A 82 -19.93 0.20 3.06
C ASP A 82 -18.48 0.02 2.53
N VAL A 83 -18.07 -1.24 2.37
CA VAL A 83 -16.74 -1.59 1.87
C VAL A 83 -16.63 -1.47 0.35
N LEU A 84 -15.60 -0.78 -0.13
CA LEU A 84 -15.41 -0.60 -1.58
C LEU A 84 -15.48 -1.97 -2.25
N PRO A 85 -16.37 -2.12 -3.24
CA PRO A 85 -16.60 -3.34 -4.00
C PRO A 85 -15.35 -4.06 -4.49
N PHE A 86 -14.45 -3.34 -5.17
CA PHE A 86 -13.23 -3.97 -5.69
C PHE A 86 -12.36 -4.54 -4.57
N ALA A 87 -12.42 -3.89 -3.41
CA ALA A 87 -11.63 -4.31 -2.25
C ALA A 87 -12.23 -5.59 -1.70
N LEU A 88 -13.56 -5.63 -1.56
CA LEU A 88 -14.23 -6.83 -1.07
C LEU A 88 -13.97 -8.02 -2.02
N GLN A 89 -14.05 -7.79 -3.32
CA GLN A 89 -13.81 -8.87 -4.29
C GLN A 89 -12.38 -9.40 -4.28
N GLY A 90 -11.41 -8.52 -4.07
CA GLY A 90 -10.01 -8.93 -4.05
C GLY A 90 -9.65 -9.78 -2.85
N ALA A 91 -10.56 -9.87 -1.88
CA ALA A 91 -10.34 -10.64 -0.67
C ALA A 91 -10.94 -12.06 -0.73
N LYS A 92 -11.40 -12.48 -1.91
CA LYS A 92 -11.97 -13.82 -2.09
C LYS A 92 -11.08 -14.86 -2.80
N ARG A 93 -11.25 -16.13 -2.41
CA ARG A 93 -10.53 -17.24 -3.04
C ARG A 93 -11.34 -18.51 -2.83
N ASN A 94 -11.37 -19.37 -3.84
CA ASN A 94 -12.13 -20.64 -3.74
C ASN A 94 -13.58 -20.37 -3.39
N GLY A 95 -14.07 -19.18 -3.78
CA GLY A 95 -15.43 -18.79 -3.50
C GLY A 95 -15.73 -18.21 -2.12
N GLU A 96 -14.72 -18.04 -1.28
CA GLU A 96 -14.92 -17.51 0.08
C GLU A 96 -14.10 -16.23 0.35
N VAL A 97 -14.59 -15.40 1.29
CA VAL A 97 -13.91 -14.17 1.70
C VAL A 97 -12.90 -14.58 2.78
N TYR A 98 -11.62 -14.31 2.53
CA TYR A 98 -10.60 -14.72 3.49
C TYR A 98 -9.95 -13.60 4.29
N GLY A 99 -10.43 -12.36 4.09
CA GLY A 99 -9.89 -11.23 4.80
C GLY A 99 -10.77 -10.01 4.72
N LEU A 100 -10.68 -9.14 5.72
CA LEU A 100 -11.46 -7.91 5.78
C LEU A 100 -10.54 -6.73 5.44
N PRO A 101 -10.80 -6.04 4.31
CA PRO A 101 -10.01 -4.89 3.84
C PRO A 101 -9.91 -3.73 4.87
N GLN A 102 -8.68 -3.33 5.19
CA GLN A 102 -8.43 -2.26 6.17
C GLN A 102 -7.74 -1.03 5.58
N ILE A 103 -6.69 -1.25 4.79
CA ILE A 103 -5.91 -0.16 4.19
C ILE A 103 -5.60 -0.49 2.73
N LEU A 104 -5.59 0.54 1.88
CA LEU A 104 -5.27 0.41 0.45
C LEU A 104 -4.11 1.36 0.15
N CYS A 105 -3.31 1.03 -0.87
CA CYS A 105 -2.14 1.84 -1.22
C CYS A 105 -1.88 1.92 -2.72
N THR A 106 -1.38 3.07 -3.15
CA THR A 106 -1.03 3.31 -4.55
C THR A 106 -0.03 4.47 -4.65
N ASN A 107 0.93 4.37 -5.58
CA ASN A 107 1.89 5.46 -5.78
C ASN A 107 1.09 6.57 -6.49
N LEU A 108 1.48 7.82 -6.25
CA LEU A 108 0.84 8.99 -6.86
C LEU A 108 1.94 9.94 -7.30
N LEU A 109 1.64 10.80 -8.27
CA LEU A 109 2.61 11.81 -8.73
C LEU A 109 2.41 13.11 -7.96
N PHE A 110 3.41 13.48 -7.17
CA PHE A 110 3.38 14.73 -6.39
C PHE A 110 4.18 15.84 -7.09
N TYR A 111 3.56 17.01 -7.21
CA TYR A 111 4.22 18.16 -7.81
C TYR A 111 3.86 19.39 -6.97
N ARG A 112 4.64 20.46 -7.14
CA ARG A 112 4.40 21.67 -6.38
C ARG A 112 3.38 22.58 -7.08
N LYS A 113 2.60 23.29 -6.28
CA LYS A 113 1.60 24.21 -6.81
C LYS A 113 2.32 25.28 -7.61
N GLY A 114 1.68 25.73 -8.69
CA GLY A 114 2.31 26.73 -9.53
C GLY A 114 3.05 26.10 -10.71
N ASP A 115 3.43 24.83 -10.55
CA ASP A 115 4.14 24.10 -11.60
C ASP A 115 3.03 23.39 -12.39
N LEU A 116 2.32 24.19 -13.18
CA LEU A 116 1.20 23.71 -13.99
C LEU A 116 1.60 22.69 -15.08
N LYS A 117 2.82 22.77 -15.59
CA LYS A 117 3.27 21.86 -16.64
C LYS A 117 3.27 20.38 -16.26
N ILE A 118 3.62 20.07 -15.00
CA ILE A 118 3.64 18.69 -14.48
C ILE A 118 2.22 18.25 -14.11
N GLY A 119 1.33 19.22 -13.93
CA GLY A 119 -0.05 18.92 -13.58
C GLY A 119 -0.79 18.21 -14.69
N GLN A 120 -0.26 18.35 -15.90
CA GLN A 120 -0.85 17.73 -17.07
C GLN A 120 -0.34 16.32 -17.37
N VAL A 121 0.74 15.91 -16.72
CA VAL A 121 1.35 14.59 -16.91
C VAL A 121 0.46 13.42 -16.48
N ASP A 122 0.33 12.43 -17.36
CA ASP A 122 -0.51 11.25 -17.08
C ASP A 122 0.23 9.92 -17.00
N ASN A 123 1.38 9.82 -17.64
CA ASN A 123 2.18 8.58 -17.59
C ASN A 123 3.66 8.92 -17.51
N ILE A 124 4.49 7.91 -17.21
CA ILE A 124 5.94 8.11 -17.06
C ILE A 124 6.74 8.67 -18.25
N TYR A 125 6.27 8.41 -19.47
CA TYR A 125 6.95 8.90 -20.66
C TYR A 125 6.72 10.40 -20.82
N GLU A 126 5.53 10.85 -20.48
CA GLU A 126 5.21 12.28 -20.54
C GLU A 126 6.01 12.98 -19.43
N LEU A 127 6.25 12.28 -18.32
CA LEU A 127 7.02 12.81 -17.21
C LEU A 127 8.47 13.00 -17.69
N TYR A 128 8.98 11.99 -18.39
CA TYR A 128 10.34 12.06 -18.90
C TYR A 128 10.51 13.26 -19.81
N LYS A 129 9.48 13.52 -20.63
CA LYS A 129 9.49 14.64 -21.56
C LYS A 129 9.61 15.98 -20.86
N LYS A 130 9.13 16.07 -19.62
CA LYS A 130 9.19 17.31 -18.85
C LYS A 130 10.42 17.48 -17.96
N ILE A 131 10.82 16.44 -17.22
CA ILE A 131 11.98 16.57 -16.36
C ILE A 131 13.29 16.00 -16.91
N GLY A 132 13.20 15.11 -17.89
CA GLY A 132 14.41 14.56 -18.47
C GLY A 132 15.20 13.64 -17.56
N THR A 133 16.44 13.35 -17.96
CA THR A 133 17.31 12.47 -17.20
C THR A 133 18.13 13.19 -16.13
N SER A 134 18.33 12.51 -15.00
CA SER A 134 19.11 13.03 -13.89
C SER A 134 20.57 13.26 -14.32
N HIS A 135 21.20 14.27 -13.74
CA HIS A 135 22.59 14.57 -14.07
C HIS A 135 23.43 14.71 -12.81
N SER A 136 23.05 13.96 -11.78
CA SER A 136 23.73 13.97 -10.48
C SER A 136 23.37 12.74 -9.67
N GLU A 137 24.35 12.19 -8.96
CA GLU A 137 24.15 11.01 -8.12
C GLU A 137 24.06 11.36 -6.63
N GLN A 138 24.14 12.64 -6.30
CA GLN A 138 24.07 13.12 -4.92
C GLN A 138 22.74 12.75 -4.26
N ILE A 139 22.77 12.62 -2.94
CA ILE A 139 21.58 12.26 -2.17
C ILE A 139 21.37 13.35 -1.15
N PRO A 140 20.24 14.09 -1.22
CA PRO A 140 19.14 14.02 -2.19
C PRO A 140 19.43 14.83 -3.44
N PRO A 141 18.56 14.73 -4.47
CA PRO A 141 18.76 15.48 -5.72
C PRO A 141 18.83 16.99 -5.45
N PRO A 142 19.38 17.76 -6.40
CA PRO A 142 19.49 19.22 -6.23
C PRO A 142 18.11 19.85 -6.07
N GLN A 143 18.08 21.09 -5.62
CA GLN A 143 16.85 21.84 -5.42
C GLN A 143 16.08 22.00 -6.72
N ASN A 144 14.85 21.48 -6.73
CA ASN A 144 13.95 21.55 -7.86
C ASN A 144 14.42 20.84 -9.14
N LYS A 145 15.21 19.78 -8.98
CA LYS A 145 15.72 19.03 -10.14
C LYS A 145 15.52 17.52 -10.01
N GLY A 146 15.05 16.88 -11.08
CA GLY A 146 14.86 15.44 -11.06
C GLY A 146 13.63 14.84 -10.39
N LEU A 147 13.65 13.51 -10.29
CA LEU A 147 12.56 12.74 -9.70
C LEU A 147 12.96 12.02 -8.42
N LEU A 148 12.08 12.07 -7.42
CA LEU A 148 12.31 11.37 -6.16
C LEU A 148 11.40 10.12 -6.17
N ILE A 149 12.00 8.94 -5.97
CA ILE A 149 11.23 7.72 -5.93
C ILE A 149 12.00 6.58 -5.27
N ASN A 150 11.29 5.81 -4.44
CA ASN A 150 11.86 4.67 -3.75
C ASN A 150 11.73 3.40 -4.58
N MET A 151 12.86 2.93 -5.09
CA MET A 151 12.90 1.71 -5.87
C MET A 151 13.98 0.78 -5.29
N ALA A 152 14.27 0.97 -4.00
CA ALA A 152 15.27 0.19 -3.30
C ALA A 152 14.65 -1.12 -2.80
N GLY A 153 15.37 -2.23 -2.94
CA GLY A 153 14.81 -3.50 -2.44
C GLY A 153 14.23 -4.40 -3.51
N GLY A 154 14.55 -5.70 -3.39
CA GLY A 154 14.13 -6.72 -4.33
C GLY A 154 12.64 -6.92 -4.59
N THR A 155 11.86 -7.09 -3.53
CA THR A 155 10.43 -7.29 -3.65
C THR A 155 9.70 -6.07 -4.22
N THR A 156 10.22 -4.88 -3.94
CA THR A 156 9.61 -3.65 -4.46
C THR A 156 9.74 -3.64 -5.97
N LYS A 157 10.94 -3.92 -6.45
CA LYS A 157 11.20 -3.97 -7.88
C LYS A 157 10.45 -5.15 -8.53
N ALA A 158 10.33 -6.28 -7.82
CA ALA A 158 9.60 -7.43 -8.34
C ALA A 158 8.11 -7.08 -8.43
N SER A 159 7.61 -6.38 -7.41
CA SER A 159 6.21 -5.95 -7.39
C SER A 159 5.93 -4.99 -8.56
N MET A 160 6.82 -4.02 -8.74
CA MET A 160 6.67 -3.03 -9.81
C MET A 160 6.66 -3.70 -11.18
N TYR A 161 7.49 -4.73 -11.33
CA TYR A 161 7.58 -5.49 -12.58
C TYR A 161 6.22 -6.13 -12.92
N LEU A 162 5.64 -6.82 -11.95
CA LEU A 162 4.35 -7.50 -12.15
C LEU A 162 3.13 -6.61 -12.34
N GLU A 163 3.14 -5.43 -11.71
CA GLU A 163 2.02 -4.50 -11.86
C GLU A 163 2.07 -3.91 -13.27
N ALA A 164 3.28 -3.58 -13.72
CA ALA A 164 3.49 -3.01 -15.04
C ALA A 164 3.09 -3.96 -16.17
N LEU A 165 3.32 -5.26 -15.96
CA LEU A 165 2.99 -6.30 -16.95
C LEU A 165 1.50 -6.33 -17.24
N ILE A 166 0.69 -6.17 -16.21
CA ILE A 166 -0.76 -6.16 -16.35
C ILE A 166 -1.18 -4.95 -17.20
N ASP A 167 -0.43 -3.86 -17.12
CA ASP A 167 -0.73 -2.65 -17.89
C ASP A 167 -0.29 -2.87 -19.32
N VAL A 168 0.80 -3.60 -19.48
CA VAL A 168 1.34 -3.92 -20.79
C VAL A 168 0.42 -4.88 -21.55
N THR A 169 -0.10 -5.90 -20.86
CA THR A 169 -1.01 -6.86 -21.48
C THR A 169 -2.44 -6.34 -21.57
N GLY A 170 -2.79 -5.44 -20.66
CA GLY A 170 -4.13 -4.88 -20.65
C GLY A 170 -5.20 -5.84 -20.18
N GLN A 171 -4.82 -6.85 -19.43
CA GLN A 171 -5.78 -7.82 -18.90
C GLN A 171 -5.44 -8.11 -17.44
N TYR A 172 -6.39 -7.92 -16.54
CA TYR A 172 -6.13 -8.16 -15.13
C TYR A 172 -5.97 -9.64 -14.85
N THR A 173 -5.08 -9.95 -13.90
CA THR A 173 -4.85 -11.33 -13.46
C THR A 173 -4.41 -11.40 -12.00
N GLU A 174 -4.83 -12.46 -11.31
CA GLU A 174 -4.44 -12.67 -9.91
C GLU A 174 -3.15 -13.46 -9.83
N TYR A 175 -2.56 -13.70 -11.00
CA TYR A 175 -1.31 -14.46 -11.12
C TYR A 175 -1.29 -15.81 -10.42
N ASP A 176 -2.38 -16.58 -10.51
CA ASP A 176 -2.44 -17.92 -9.89
C ASP A 176 -1.25 -18.72 -10.39
N LEU A 177 -0.85 -18.37 -11.62
CA LEU A 177 0.32 -18.91 -12.29
C LEU A 177 1.22 -17.70 -12.55
N LEU A 178 2.40 -17.67 -11.92
CA LEU A 178 3.31 -16.55 -12.10
C LEU A 178 4.07 -16.70 -13.41
N PRO A 179 4.42 -15.57 -14.07
CA PRO A 179 5.14 -15.52 -15.35
C PRO A 179 6.60 -15.96 -15.36
N PRO A 180 7.09 -16.39 -16.53
CA PRO A 180 8.47 -16.84 -16.69
C PRO A 180 9.44 -15.70 -16.41
N LEU A 181 10.56 -16.04 -15.78
CA LEU A 181 11.59 -15.07 -15.47
C LEU A 181 12.61 -15.01 -16.60
N ASP A 182 12.59 -16.01 -17.48
CA ASP A 182 13.56 -16.01 -18.57
C ASP A 182 13.20 -15.04 -19.68
N PRO A 183 12.23 -15.38 -20.54
CA PRO A 183 11.97 -14.35 -21.55
C PRO A 183 11.28 -13.20 -20.78
N LEU A 184 12.08 -12.23 -20.34
CA LEU A 184 11.58 -11.09 -19.58
C LEU A 184 10.88 -10.13 -20.54
N ASN A 185 9.80 -9.49 -20.09
CA ASN A 185 9.08 -8.54 -20.95
C ASN A 185 9.87 -7.24 -21.13
N ASP A 186 10.23 -6.95 -22.38
CA ASP A 186 11.02 -5.76 -22.73
C ASP A 186 10.38 -4.42 -22.47
N LYS A 187 9.10 -4.31 -22.81
CA LYS A 187 8.37 -3.06 -22.57
C LYS A 187 8.41 -2.68 -21.09
N VAL A 188 8.17 -3.67 -20.22
CA VAL A 188 8.16 -3.45 -18.78
C VAL A 188 9.54 -3.07 -18.24
N ILE A 189 10.59 -3.66 -18.79
CA ILE A 189 11.95 -3.37 -18.37
C ILE A 189 12.35 -1.95 -18.78
N ARG A 190 12.01 -1.55 -20.00
CA ARG A 190 12.32 -0.21 -20.49
C ARG A 190 11.63 0.85 -19.62
N GLY A 191 10.43 0.54 -19.13
CA GLY A 191 9.70 1.46 -18.29
C GLY A 191 10.38 1.66 -16.93
N LEU A 192 10.78 0.55 -16.32
CA LEU A 192 11.46 0.60 -15.02
C LEU A 192 12.80 1.30 -15.12
N ARG A 193 13.49 1.16 -16.26
CA ARG A 193 14.77 1.81 -16.46
C ARG A 193 14.60 3.32 -16.63
N LEU A 194 13.47 3.73 -17.21
CA LEU A 194 13.17 5.15 -17.42
C LEU A 194 13.04 5.86 -16.06
N LEU A 195 12.43 5.18 -15.10
CA LEU A 195 12.25 5.72 -13.75
C LEU A 195 13.59 5.94 -13.06
N ILE A 196 14.51 5.00 -13.24
CA ILE A 196 15.84 5.08 -12.64
C ILE A 196 16.64 6.22 -13.28
N ASN A 197 16.52 6.30 -14.60
CA ASN A 197 17.20 7.33 -15.38
C ASN A 197 16.76 8.74 -14.93
N MET A 198 15.47 8.89 -14.60
CA MET A 198 14.93 10.19 -14.15
C MET A 198 15.28 10.54 -12.69
N ALA A 199 15.50 9.52 -11.86
CA ALA A 199 15.80 9.70 -10.44
C ALA A 199 17.26 9.58 -10.03
N GLY A 200 18.05 8.88 -10.83
CA GLY A 200 19.46 8.69 -10.49
C GLY A 200 19.55 7.31 -9.88
N GLU A 201 20.69 6.64 -10.03
CA GLU A 201 20.82 5.29 -9.51
C GLU A 201 20.91 5.21 -8.00
N LYS A 202 21.94 5.86 -7.45
CA LYS A 202 22.13 5.85 -6.01
C LYS A 202 20.93 6.42 -5.25
N PRO A 203 20.36 7.55 -5.72
CA PRO A 203 19.19 8.11 -5.03
C PRO A 203 17.98 7.17 -5.02
N SER A 204 17.77 6.43 -6.11
CA SER A 204 16.64 5.52 -6.19
C SER A 204 16.82 4.23 -5.40
N GLN A 205 18.08 3.86 -5.15
CA GLN A 205 18.39 2.63 -4.42
C GLN A 205 18.78 2.85 -2.96
N TYR A 206 18.79 4.10 -2.53
CA TYR A 206 19.17 4.48 -1.17
C TYR A 206 18.26 3.95 -0.07
N VAL A 207 18.88 3.47 1.01
CA VAL A 207 18.15 2.96 2.17
C VAL A 207 18.74 3.67 3.39
N PRO A 208 17.89 4.41 4.13
CA PRO A 208 18.38 5.12 5.31
C PRO A 208 18.70 4.10 6.42
N GLU A 209 19.87 4.25 7.05
CA GLU A 209 20.30 3.33 8.10
C GLU A 209 19.36 3.22 9.31
N ASP A 210 18.46 4.20 9.48
CA ASP A 210 17.50 4.16 10.58
C ASP A 210 16.17 3.58 10.11
N GLY A 211 16.10 3.21 8.83
CA GLY A 211 14.89 2.63 8.27
C GLY A 211 13.68 3.55 8.17
N ASP A 212 13.90 4.84 7.94
CA ASP A 212 12.80 5.79 7.81
C ASP A 212 12.21 5.64 6.39
N ALA A 213 11.00 5.10 6.33
CA ALA A 213 10.33 4.85 5.06
C ALA A 213 9.76 6.10 4.39
N TYR A 214 9.72 7.20 5.11
CA TYR A 214 9.16 8.44 4.56
C TYR A 214 10.17 9.60 4.39
N VAL A 215 11.46 9.27 4.27
CA VAL A 215 12.50 10.27 4.13
C VAL A 215 12.44 11.08 2.83
N ARG A 216 12.04 10.45 1.72
CA ARG A 216 11.95 11.17 0.44
C ARG A 216 10.87 12.24 0.46
N ALA A 217 9.84 12.04 1.28
CA ALA A 217 8.78 13.02 1.40
C ALA A 217 9.30 14.27 2.12
N SER A 218 10.23 14.08 3.05
CA SER A 218 10.82 15.20 3.81
C SER A 218 11.78 15.99 2.95
N TRP A 219 12.44 15.31 2.02
CA TRP A 219 13.38 15.98 1.13
C TRP A 219 12.60 16.89 0.18
N PHE A 220 11.49 16.37 -0.33
CA PHE A 220 10.64 17.10 -1.26
C PHE A 220 10.08 18.38 -0.62
N ALA A 221 9.59 18.27 0.61
CA ALA A 221 9.04 19.41 1.33
C ALA A 221 10.11 20.49 1.59
N GLN A 222 11.37 20.05 1.74
CA GLN A 222 12.50 20.95 1.97
C GLN A 222 12.99 21.63 0.69
N GLY A 223 12.57 21.16 -0.48
CA GLY A 223 12.99 21.78 -1.71
C GLY A 223 13.69 20.91 -2.73
N SER A 224 14.04 19.69 -2.33
CA SER A 224 14.73 18.75 -3.20
C SER A 224 13.83 18.16 -4.29
N GLY A 225 14.38 18.02 -5.49
CA GLY A 225 13.64 17.45 -6.62
C GLY A 225 12.52 18.30 -7.21
N ARG A 226 12.07 17.93 -8.40
CA ARG A 226 10.96 18.63 -9.05
C ARG A 226 9.66 17.84 -8.95
N ALA A 227 9.77 16.52 -8.98
CA ALA A 227 8.62 15.63 -8.89
C ALA A 227 8.93 14.50 -7.89
N PHE A 228 7.89 13.94 -7.28
CA PHE A 228 8.04 12.87 -6.29
C PHE A 228 6.91 11.83 -6.46
N ILE A 229 7.30 10.57 -6.67
CA ILE A 229 6.32 9.50 -6.79
C ILE A 229 6.38 8.67 -5.52
N GLY A 230 5.27 8.65 -4.79
CA GLY A 230 5.22 7.91 -3.54
C GLY A 230 3.79 7.68 -3.10
N TYR A 231 3.60 6.88 -2.04
CA TYR A 231 2.27 6.57 -1.52
C TYR A 231 1.58 7.80 -0.94
N SER A 232 0.26 7.74 -0.80
CA SER A 232 -0.48 8.87 -0.24
C SER A 232 -0.02 9.22 1.19
N GLU A 233 0.34 8.20 1.99
CA GLU A 233 0.80 8.40 3.37
C GLU A 233 2.01 9.32 3.50
N SER A 234 2.75 9.50 2.40
CA SER A 234 3.93 10.38 2.36
C SER A 234 3.56 11.77 2.88
N MET A 235 2.27 12.14 2.75
CA MET A 235 1.82 13.45 3.19
C MET A 235 1.86 13.75 4.68
N MET A 236 1.79 12.72 5.53
CA MET A 236 1.83 12.94 6.99
C MET A 236 3.19 13.57 7.34
N ARG A 237 4.23 13.04 6.70
CA ARG A 237 5.59 13.48 6.87
C ARG A 237 5.83 14.90 6.35
N MET A 238 5.06 15.29 5.33
CA MET A 238 5.18 16.63 4.77
C MET A 238 4.65 17.65 5.75
N GLY A 239 3.80 17.19 6.67
CA GLY A 239 3.20 18.04 7.68
C GLY A 239 2.48 19.25 7.13
N ASP A 240 3.01 20.42 7.50
CA ASP A 240 2.49 21.73 7.13
C ASP A 240 2.49 21.90 5.62
N TYR A 241 3.49 21.29 4.97
CA TYR A 241 3.65 21.36 3.53
C TYR A 241 2.64 20.56 2.72
N ALA A 242 1.98 19.59 3.34
CA ALA A 242 0.98 18.77 2.65
C ALA A 242 -0.08 19.61 1.91
N GLU A 243 -0.39 20.78 2.46
CA GLU A 243 -1.37 21.70 1.87
C GLU A 243 -0.84 22.39 0.62
N GLN A 244 0.47 22.48 0.50
CA GLN A 244 1.08 23.15 -0.63
C GLN A 244 1.37 22.27 -1.84
N VAL A 245 1.34 20.95 -1.66
CA VAL A 245 1.58 20.04 -2.79
C VAL A 245 0.29 19.67 -3.53
N ARG A 246 0.47 19.16 -4.74
CA ARG A 246 -0.62 18.69 -5.59
C ARG A 246 -0.24 17.26 -5.92
N PHE A 247 -1.23 16.43 -6.25
CA PHE A 247 -0.97 15.04 -6.60
C PHE A 247 -2.03 14.50 -7.54
N LYS A 248 -1.68 13.43 -8.25
CA LYS A 248 -2.58 12.78 -9.20
C LYS A 248 -2.04 11.38 -9.55
N PRO A 249 -2.93 10.46 -9.97
CA PRO A 249 -2.51 9.09 -10.33
C PRO A 249 -1.68 9.15 -11.62
N ILE A 250 -0.68 8.28 -11.73
CA ILE A 250 0.18 8.25 -12.90
C ILE A 250 0.39 6.81 -13.40
N SER A 251 0.16 6.61 -14.70
CA SER A 251 0.29 5.31 -15.35
C SER A 251 1.71 5.03 -15.85
N SER A 252 2.07 3.74 -15.97
CA SER A 252 3.40 3.37 -16.44
C SER A 252 3.46 3.17 -17.96
N SER A 253 2.40 3.59 -18.64
CA SER A 253 2.30 3.47 -20.10
C SER A 253 1.07 4.20 -20.61
N ALA A 254 0.97 4.34 -21.94
CA ALA A 254 -0.20 4.96 -22.54
C ALA A 254 -1.13 3.82 -22.95
N GLY A 255 -2.25 3.66 -22.25
CA GLY A 255 -3.17 2.59 -22.59
C GLY A 255 -4.45 2.47 -21.79
N GLN A 256 -4.60 1.35 -21.08
CA GLN A 256 -5.80 1.10 -20.28
C GLN A 256 -5.53 1.25 -18.77
N ASP A 257 -4.25 1.34 -18.43
CA ASP A 257 -3.79 1.49 -17.05
C ASP A 257 -4.22 0.38 -16.07
N ILE A 258 -5.52 0.26 -15.82
CA ILE A 258 -6.04 -0.72 -14.85
C ILE A 258 -5.38 -0.35 -13.53
N PRO A 259 -5.96 0.61 -12.79
CA PRO A 259 -5.37 1.01 -11.51
C PRO A 259 -5.32 -0.14 -10.50
N LEU A 260 -4.10 -0.50 -10.11
CA LEU A 260 -3.87 -1.57 -9.14
C LEU A 260 -3.58 -0.99 -7.76
N PHE A 261 -4.09 -1.65 -6.72
CA PHE A 261 -3.92 -1.22 -5.35
C PHE A 261 -3.43 -2.33 -4.42
N TYR A 262 -2.47 -2.02 -3.56
CA TYR A 262 -2.03 -2.99 -2.55
C TYR A 262 -3.16 -2.95 -1.50
N SER A 263 -3.52 -4.10 -0.95
CA SER A 263 -4.59 -4.14 0.04
C SER A 263 -4.19 -4.91 1.28
N ASP A 264 -4.21 -4.22 2.41
CA ASP A 264 -3.85 -4.83 3.68
C ASP A 264 -5.15 -5.29 4.33
N VAL A 265 -5.30 -6.62 4.44
CA VAL A 265 -6.52 -7.21 5.01
C VAL A 265 -6.35 -7.87 6.38
N VAL A 266 -7.43 -7.89 7.16
CA VAL A 266 -7.45 -8.49 8.50
C VAL A 266 -7.97 -9.94 8.42
N SER A 267 -7.13 -10.90 8.85
CA SER A 267 -7.53 -12.30 8.81
C SER A 267 -7.46 -13.01 10.15
N VAL A 268 -8.06 -14.19 10.21
CA VAL A 268 -8.12 -15.02 11.41
C VAL A 268 -7.38 -16.34 11.16
N ASN A 269 -6.66 -16.81 12.19
CA ASN A 269 -5.88 -18.05 12.14
C ASN A 269 -6.82 -19.26 12.14
N SER A 270 -6.61 -20.18 11.20
CA SER A 270 -7.46 -21.39 11.16
C SER A 270 -7.34 -22.21 12.44
N LYS A 271 -6.24 -22.03 13.16
CA LYS A 271 -5.98 -22.75 14.40
C LYS A 271 -6.44 -22.04 15.68
N THR A 272 -7.04 -20.86 15.58
CA THR A 272 -7.50 -20.14 16.77
C THR A 272 -8.50 -20.94 17.62
N ALA A 273 -8.37 -20.83 18.94
CA ALA A 273 -9.25 -21.53 19.86
C ALA A 273 -10.54 -20.72 20.11
N HIS A 274 -10.56 -19.48 19.63
CA HIS A 274 -11.71 -18.61 19.80
C HIS A 274 -12.16 -18.01 18.48
N PRO A 275 -12.75 -18.86 17.59
CA PRO A 275 -13.22 -18.47 16.25
C PRO A 275 -14.22 -17.30 16.13
N GLU A 276 -15.30 -17.31 16.91
CA GLU A 276 -16.26 -16.22 16.83
C GLU A 276 -15.75 -14.92 17.46
N LEU A 277 -15.02 -15.05 18.57
CA LEU A 277 -14.45 -13.90 19.27
C LEU A 277 -13.38 -13.27 18.38
N ALA A 278 -12.61 -14.11 17.69
CA ALA A 278 -11.55 -13.66 16.79
C ALA A 278 -12.17 -12.89 15.60
N LYS A 279 -13.27 -13.42 15.09
CA LYS A 279 -13.97 -12.80 13.97
C LYS A 279 -14.58 -11.46 14.40
N LYS A 280 -14.94 -11.37 15.67
CA LYS A 280 -15.52 -10.14 16.22
C LYS A 280 -14.42 -9.08 16.27
N LEU A 281 -13.23 -9.46 16.72
CA LEU A 281 -12.09 -8.54 16.77
C LEU A 281 -11.66 -8.10 15.37
N ALA A 282 -11.66 -9.03 14.42
CA ALA A 282 -11.28 -8.72 13.03
C ALA A 282 -12.18 -7.61 12.47
N ASN A 283 -13.46 -7.67 12.81
CA ASN A 283 -14.42 -6.67 12.36
C ASN A 283 -14.15 -5.31 13.01
N VAL A 284 -13.74 -5.32 14.28
CA VAL A 284 -13.44 -4.07 15.00
C VAL A 284 -12.24 -3.39 14.35
N MET A 285 -11.16 -4.13 14.14
CA MET A 285 -9.96 -3.54 13.53
C MET A 285 -10.21 -2.94 12.16
N ALA A 286 -11.21 -3.47 11.45
CA ALA A 286 -11.55 -2.99 10.12
C ALA A 286 -12.79 -2.08 10.07
N SER A 287 -13.40 -1.83 11.22
CA SER A 287 -14.59 -0.99 11.24
C SER A 287 -14.23 0.45 10.92
N ALA A 288 -15.23 1.18 10.45
CA ALA A 288 -15.09 2.57 10.08
C ALA A 288 -14.67 3.45 11.27
N ASP A 289 -15.16 3.11 12.45
CA ASP A 289 -14.82 3.86 13.66
C ASP A 289 -13.36 3.76 14.09
N THR A 290 -12.80 2.56 14.12
CA THR A 290 -11.39 2.46 14.53
C THR A 290 -10.40 3.00 13.49
N VAL A 291 -10.71 2.81 12.21
CA VAL A 291 -9.84 3.30 11.15
C VAL A 291 -9.81 4.85 11.14
N GLU A 292 -10.98 5.48 11.34
CA GLU A 292 -11.04 6.95 11.38
C GLU A 292 -10.22 7.47 12.56
N GLN A 293 -10.33 6.79 13.70
CA GLN A 293 -9.61 7.17 14.93
C GLN A 293 -8.08 7.01 14.78
N ALA A 294 -7.66 5.99 14.04
CA ALA A 294 -6.25 5.72 13.81
C ALA A 294 -5.61 6.71 12.83
N LEU A 295 -6.40 7.24 11.92
CA LEU A 295 -5.91 8.17 10.92
C LEU A 295 -5.87 9.62 11.40
N ARG A 296 -6.79 9.97 12.30
CA ARG A 296 -6.88 11.32 12.86
C ARG A 296 -5.76 11.57 13.87
N PRO A 297 -5.29 12.83 13.96
CA PRO A 297 -4.22 13.28 14.88
C PRO A 297 -4.68 13.03 16.32
N GLN A 298 -3.82 12.46 17.17
CA GLN A 298 -4.22 12.18 18.55
C GLN A 298 -3.48 12.91 19.67
N ALA A 299 -2.68 13.91 19.30
CA ALA A 299 -1.92 14.70 20.25
C ALA A 299 -1.48 15.97 19.54
N ASP A 300 -1.02 16.95 20.33
CA ASP A 300 -0.57 18.20 19.74
C ASP A 300 0.67 18.03 18.86
N GLY A 301 0.67 18.72 17.73
CA GLY A 301 1.78 18.64 16.81
C GLY A 301 1.60 17.54 15.78
N GLN A 302 0.61 16.67 15.98
CA GLN A 302 0.34 15.56 15.07
C GLN A 302 -0.50 15.89 13.84
N TYR A 303 -0.21 15.18 12.75
CA TYR A 303 -0.88 15.34 11.47
C TYR A 303 -1.62 14.04 11.09
N PRO A 304 -2.59 14.10 10.15
CA PRO A 304 -3.31 12.88 9.74
C PRO A 304 -2.31 11.91 9.12
N GLN A 305 -2.57 10.60 9.19
CA GLN A 305 -1.64 9.63 8.61
C GLN A 305 -1.68 9.59 7.08
N TYR A 306 -2.80 10.04 6.52
CA TYR A 306 -3.02 10.09 5.07
C TYR A 306 -3.02 8.75 4.34
N LEU A 307 -3.38 7.70 5.07
CA LEU A 307 -3.51 6.34 4.54
C LEU A 307 -4.89 6.25 3.89
N LEU A 308 -5.04 5.37 2.90
CA LEU A 308 -6.32 5.19 2.20
C LEU A 308 -7.21 4.13 2.84
N PRO A 309 -8.38 4.53 3.37
CA PRO A 309 -9.33 3.59 4.01
C PRO A 309 -10.02 2.75 2.93
N ALA A 310 -10.71 1.69 3.33
CA ALA A 310 -11.43 0.81 2.39
C ALA A 310 -12.94 0.88 2.54
N ARG A 311 -13.43 1.75 3.42
CA ARG A 311 -14.86 1.92 3.62
C ARG A 311 -15.25 3.37 3.28
N HIS A 312 -16.41 3.55 2.64
CA HIS A 312 -16.90 4.88 2.25
C HIS A 312 -17.07 5.83 3.46
N GLN A 313 -17.65 5.31 4.53
CA GLN A 313 -17.90 6.08 5.75
C GLN A 313 -16.68 6.84 6.34
N VAL A 314 -15.46 6.32 6.11
CA VAL A 314 -14.25 6.96 6.65
C VAL A 314 -13.86 8.20 5.85
N TYR A 315 -14.03 8.12 4.54
CA TYR A 315 -13.72 9.25 3.66
C TYR A 315 -14.70 10.38 3.94
N GLU A 316 -15.96 10.02 4.21
CA GLU A 316 -16.99 11.00 4.50
C GLU A 316 -16.73 11.72 5.80
N ALA A 317 -16.32 10.98 6.83
CA ALA A 317 -16.05 11.57 8.13
C ALA A 317 -14.77 12.40 8.22
N LEU A 318 -13.79 12.12 7.37
CA LEU A 318 -12.54 12.88 7.40
C LEU A 318 -12.51 14.14 6.52
N MET A 319 -13.37 14.17 5.50
CA MET A 319 -13.46 15.26 4.53
C MET A 319 -13.53 16.72 4.99
N GLN A 320 -14.47 17.05 5.88
CA GLN A 320 -14.64 18.41 6.37
C GLN A 320 -13.39 19.02 6.99
N ASP A 321 -12.82 18.30 7.96
CA ASP A 321 -11.63 18.72 8.69
C ASP A 321 -10.35 18.64 7.89
N TYR A 322 -10.31 17.70 6.95
CA TYR A 322 -9.13 17.49 6.11
C TYR A 322 -9.53 17.33 4.63
N PRO A 323 -9.65 18.45 3.92
CA PRO A 323 -10.04 18.46 2.50
C PRO A 323 -9.17 17.61 1.54
N ILE A 324 -8.01 17.16 1.99
CA ILE A 324 -7.16 16.32 1.12
C ILE A 324 -7.85 14.98 0.86
N TYR A 325 -8.61 14.52 1.85
CA TYR A 325 -9.34 13.26 1.73
C TYR A 325 -10.45 13.25 0.69
N SER A 326 -10.79 14.42 0.16
CA SER A 326 -11.83 14.52 -0.86
C SER A 326 -11.24 14.09 -2.20
N GLU A 327 -9.99 14.46 -2.47
CA GLU A 327 -9.34 14.06 -3.71
C GLU A 327 -8.96 12.57 -3.68
N LEU A 328 -8.60 12.08 -2.49
CA LEU A 328 -8.22 10.68 -2.31
C LEU A 328 -9.45 9.78 -2.46
N ALA A 329 -10.61 10.28 -2.03
CA ALA A 329 -11.85 9.52 -2.15
C ALA A 329 -12.19 9.33 -3.63
N GLN A 330 -11.95 10.36 -4.43
CA GLN A 330 -12.24 10.30 -5.86
C GLN A 330 -11.37 9.27 -6.61
N ILE A 331 -10.08 9.24 -6.28
CA ILE A 331 -9.10 8.31 -6.87
C ILE A 331 -9.47 6.86 -6.53
N VAL A 332 -9.90 6.65 -5.30
CA VAL A 332 -10.28 5.35 -4.78
C VAL A 332 -11.63 4.80 -5.28
N ASN A 333 -12.49 5.68 -5.77
CA ASN A 333 -13.79 5.24 -6.26
C ASN A 333 -13.92 5.01 -7.76
N LYS A 334 -12.80 4.96 -8.47
CA LYS A 334 -12.79 4.72 -9.91
C LYS A 334 -13.29 3.30 -10.21
N PRO A 335 -14.24 3.16 -11.15
CA PRO A 335 -14.83 1.88 -11.56
C PRO A 335 -13.85 0.78 -11.97
N SER A 336 -12.75 1.16 -12.60
CA SER A 336 -11.76 0.19 -13.07
C SER A 336 -10.68 -0.30 -12.06
N ASN A 337 -10.67 0.24 -10.84
CA ASN A 337 -9.69 -0.12 -9.81
C ASN A 337 -9.68 -1.61 -9.50
N ARG A 338 -8.51 -2.13 -9.13
CA ARG A 338 -8.33 -3.57 -8.81
C ARG A 338 -7.28 -3.77 -7.72
N VAL A 339 -7.43 -4.87 -6.99
CA VAL A 339 -6.50 -5.25 -5.93
C VAL A 339 -5.33 -6.05 -6.53
N PHE A 340 -4.10 -5.72 -6.10
CA PHE A 340 -2.91 -6.40 -6.59
C PHE A 340 -2.71 -7.72 -5.83
N ARG A 341 -2.90 -8.83 -6.55
CA ARG A 341 -2.78 -10.19 -6.02
C ARG A 341 -1.68 -11.00 -6.72
N LEU A 342 -1.04 -11.90 -5.98
CA LEU A 342 0.02 -12.77 -6.52
C LEU A 342 -0.27 -14.24 -6.20
N GLY A 343 0.21 -15.13 -7.06
CA GLY A 343 -0.01 -16.56 -6.90
C GLY A 343 0.50 -17.21 -5.64
N PRO A 344 0.10 -18.47 -5.38
CA PRO A 344 0.49 -19.27 -4.22
C PRO A 344 1.99 -19.53 -4.09
N GLU A 345 2.71 -19.39 -5.21
CA GLU A 345 4.15 -19.62 -5.21
C GLU A 345 4.98 -18.33 -5.12
N VAL A 346 4.39 -17.27 -4.56
CA VAL A 346 5.05 -15.95 -4.42
C VAL A 346 6.48 -15.97 -3.91
N ARG A 347 6.67 -16.55 -2.72
CA ARG A 347 7.98 -16.61 -2.07
C ARG A 347 9.12 -17.15 -2.92
N THR A 348 8.88 -18.26 -3.59
CA THR A 348 9.90 -18.85 -4.45
C THR A 348 10.15 -17.94 -5.63
N TRP A 349 9.08 -17.47 -6.25
CA TRP A 349 9.17 -16.60 -7.41
C TRP A 349 9.96 -15.34 -7.06
N LEU A 350 9.73 -14.79 -5.87
CA LEU A 350 10.43 -13.58 -5.41
C LEU A 350 11.94 -13.83 -5.30
N LYS A 351 12.30 -15.00 -4.80
CA LYS A 351 13.71 -15.38 -4.67
C LYS A 351 14.38 -15.43 -6.04
N ASP A 352 13.68 -16.07 -6.98
CA ASP A 352 14.16 -16.22 -8.36
C ASP A 352 14.30 -14.88 -9.08
N ALA A 353 13.33 -13.99 -8.90
CA ALA A 353 13.35 -12.68 -9.54
C ALA A 353 14.52 -11.83 -9.08
N LYS A 354 14.95 -12.04 -7.83
CA LYS A 354 16.06 -11.29 -7.25
C LYS A 354 17.43 -11.58 -7.93
N GLN A 355 17.53 -12.75 -8.57
CA GLN A 355 18.75 -13.17 -9.26
C GLN A 355 18.79 -12.73 -10.73
N VAL A 356 17.76 -12.03 -11.19
CA VAL A 356 17.69 -11.63 -12.59
C VAL A 356 17.26 -10.16 -12.87
N LEU A 357 16.48 -9.57 -11.97
CA LEU A 357 16.00 -8.19 -12.15
C LEU A 357 17.03 -7.07 -12.06
N PRO A 358 17.90 -7.09 -11.02
CA PRO A 358 18.91 -6.04 -10.90
C PRO A 358 19.83 -5.94 -12.12
N GLU A 359 20.25 -7.10 -12.63
CA GLU A 359 21.12 -7.17 -13.81
C GLU A 359 20.44 -6.56 -15.03
N ALA A 360 19.16 -6.88 -15.20
CA ALA A 360 18.36 -6.39 -16.31
C ALA A 360 18.10 -4.88 -16.21
N LEU A 361 18.09 -4.37 -14.99
CA LEU A 361 17.84 -2.96 -14.72
C LEU A 361 19.10 -2.09 -14.72
N GLY A 362 20.27 -2.72 -14.86
CA GLY A 362 21.52 -1.98 -14.90
C GLY A 362 22.04 -1.61 -13.53
#